data_1Z6U
#
_entry.id   1Z6U
#
_cell.length_a   64.561
_cell.length_b   64.561
_cell.length_c   130.313
_cell.angle_alpha   90.00
_cell.angle_beta   90.00
_cell.angle_gamma   90.00
#
_symmetry.space_group_name_H-M   'P 41 21 2'
#
loop_
_entity.id
_entity.type
_entity.pdbx_description
1 polymer 'Np95-like ring finger protein isoform b'
2 non-polymer 'ZINC ION'
3 water water
#
_entity_poly.entity_id   1
_entity_poly.type   'polypeptide(L)'
_entity_poly.pdbx_seq_one_letter_code
;MGSSHHHHHHSSGLVPRGSPSASKVYKASDSAEAIEAFQLTPQQQHLIREDCQNQKLWDEVLSHLVEGPNFLKKLEQSFM
CVCCQELVYQPVTTECFHNVCKDCLQRSFKAQVFSCPACRHDLGQNYIMIPNEILQTLLDLFFPGYSKGR
;
_entity_poly.pdbx_strand_id   A,B
#
# COMPACT_ATOMS: atom_id res chain seq x y z
N GLU A 36 -9.45 -20.31 -23.27
CA GLU A 36 -10.41 -19.19 -23.54
C GLU A 36 -10.71 -18.29 -22.32
N ALA A 37 -10.30 -18.76 -21.13
CA ALA A 37 -10.38 -17.93 -19.92
C ALA A 37 -9.46 -16.75 -20.11
N PHE A 38 -9.82 -15.61 -19.52
CA PHE A 38 -8.95 -14.45 -19.57
C PHE A 38 -7.62 -14.82 -18.95
N GLN A 39 -6.53 -14.54 -19.63
CA GLN A 39 -5.20 -14.93 -19.16
C GLN A 39 -4.44 -13.75 -18.58
N LEU A 40 -4.16 -13.82 -17.28
CA LEU A 40 -3.43 -12.75 -16.56
C LEU A 40 -1.96 -12.78 -16.94
N THR A 41 -1.35 -11.61 -17.10
CA THR A 41 0.08 -11.56 -17.35
C THR A 41 0.86 -11.77 -16.06
N PRO A 42 2.17 -12.07 -16.14
CA PRO A 42 2.93 -12.19 -14.91
C PRO A 42 2.94 -10.92 -14.08
N GLN A 43 3.06 -9.76 -14.73
CA GLN A 43 3.00 -8.44 -14.08
C GLN A 43 1.70 -8.24 -13.30
N GLN A 44 0.58 -8.64 -13.87
CA GLN A 44 -0.72 -8.45 -13.21
C GLN A 44 -0.85 -9.39 -12.02
N GLN A 45 -0.37 -10.63 -12.18
CA GLN A 45 -0.36 -11.62 -11.11
C GLN A 45 0.48 -11.14 -9.95
N HIS A 46 1.65 -10.57 -10.26
CA HIS A 46 2.53 -10.04 -9.24
C HIS A 46 1.87 -8.91 -8.44
N LEU A 47 1.30 -7.95 -9.15
CA LEU A 47 0.68 -6.78 -8.51
C LEU A 47 -0.59 -7.09 -7.72
N ILE A 48 -1.45 -7.92 -8.28
CA ILE A 48 -2.62 -8.39 -7.55
C ILE A 48 -2.20 -8.99 -6.20
N ARG A 49 -1.17 -9.84 -6.22
CA ARG A 49 -0.66 -10.43 -5.00
C ARG A 49 -0.21 -9.36 -4.00
N GLU A 50 0.48 -8.34 -4.52
CA GLU A 50 1.02 -7.28 -3.67
C GLU A 50 -0.04 -6.31 -3.17
N ASP A 51 -1.24 -6.30 -3.80
CA ASP A 51 -2.35 -5.39 -3.43
C ASP A 51 -3.22 -5.99 -2.31
N CYS A 52 -2.68 -6.08 -1.11
CA CYS A 52 -3.33 -6.86 -0.06
C CYS A 52 -4.47 -6.15 0.64
N GLN A 53 -4.50 -4.82 0.55
CA GLN A 53 -5.65 -4.07 1.07
C GLN A 53 -6.90 -4.45 0.30
N ASN A 54 -6.73 -4.94 -0.94
CA ASN A 54 -7.84 -5.34 -1.78
C ASN A 54 -7.98 -6.85 -1.93
N GLN A 55 -7.33 -7.62 -1.06
CA GLN A 55 -7.29 -9.07 -1.17
C GLN A 55 -8.64 -9.75 -1.40
N LYS A 56 -9.63 -9.42 -0.58
CA LYS A 56 -10.96 -10.04 -0.68
C LYS A 56 -11.61 -9.69 -1.98
N LEU A 57 -11.60 -8.39 -2.31
CA LEU A 57 -12.10 -7.95 -3.60
C LEU A 57 -11.42 -8.62 -4.79
N TRP A 58 -10.10 -8.69 -4.81
CA TRP A 58 -9.44 -9.35 -5.96
C TRP A 58 -9.85 -10.81 -6.07
N ASP A 59 -9.99 -11.50 -4.93
CA ASP A 59 -10.44 -12.90 -4.98
C ASP A 59 -11.85 -13.02 -5.57
N GLU A 60 -12.76 -12.10 -5.24
CA GLU A 60 -14.08 -12.08 -5.88
C GLU A 60 -14.00 -11.77 -7.38
N VAL A 61 -13.18 -10.77 -7.75
CA VAL A 61 -13.01 -10.34 -9.15
C VAL A 61 -12.52 -11.49 -10.03
N LEU A 62 -11.55 -12.24 -9.55
CA LEU A 62 -10.91 -13.27 -10.35
C LEU A 62 -11.84 -14.49 -10.58
N SER A 63 -12.96 -14.53 -9.87
CA SER A 63 -14.04 -15.50 -10.16
C SER A 63 -14.48 -15.37 -11.61
N HIS A 64 -14.38 -14.17 -12.16
CA HIS A 64 -14.84 -13.90 -13.51
C HIS A 64 -13.79 -14.12 -14.62
N LEU A 65 -12.60 -14.60 -14.28
CA LEU A 65 -11.59 -14.90 -15.32
C LEU A 65 -12.15 -15.86 -16.40
N VAL A 66 -13.02 -16.77 -15.97
CA VAL A 66 -13.73 -17.70 -16.86
C VAL A 66 -14.50 -16.96 -17.98
N GLU A 67 -15.15 -15.85 -17.62
CA GLU A 67 -15.99 -15.10 -18.58
C GLU A 67 -15.24 -14.49 -19.78
N GLY A 68 -13.97 -14.88 -19.96
CA GLY A 68 -13.14 -14.50 -21.12
C GLY A 68 -13.00 -13.00 -21.32
N PRO A 69 -13.31 -12.50 -22.54
CA PRO A 69 -13.12 -11.08 -22.88
C PRO A 69 -14.00 -10.18 -22.02
N ASN A 70 -15.11 -10.76 -21.56
CA ASN A 70 -16.07 -10.12 -20.67
C ASN A 70 -15.53 -9.87 -19.25
N PHE A 71 -14.39 -10.48 -18.91
CA PHE A 71 -13.74 -10.25 -17.61
C PHE A 71 -13.40 -8.76 -17.41
N LEU A 72 -12.82 -8.13 -18.43
CA LEU A 72 -12.55 -6.70 -18.39
C LEU A 72 -13.76 -5.85 -17.96
N LYS A 73 -14.94 -6.22 -18.45
CA LYS A 73 -16.19 -5.56 -18.07
C LYS A 73 -16.55 -5.73 -16.58
N LYS A 74 -16.45 -6.96 -16.07
CA LYS A 74 -16.74 -7.20 -14.67
C LYS A 74 -15.61 -6.58 -13.83
N LEU A 75 -14.38 -6.61 -14.33
CA LEU A 75 -13.28 -5.89 -13.66
C LEU A 75 -13.56 -4.39 -13.54
N GLU A 76 -13.93 -3.76 -14.65
CA GLU A 76 -14.27 -2.34 -14.61
C GLU A 76 -15.39 -2.02 -13.60
N GLN A 77 -16.43 -2.86 -13.55
CA GLN A 77 -17.53 -2.65 -12.60
C GLN A 77 -17.07 -2.78 -11.13
N SER A 78 -16.09 -3.65 -10.88
CA SER A 78 -15.61 -3.87 -9.53
C SER A 78 -14.84 -2.66 -8.97
N PHE A 79 -14.23 -1.89 -9.84
N PHE A 79 -14.32 -1.81 -9.84
CA PHE A 79 -13.38 -0.78 -9.44
CA PHE A 79 -13.54 -0.65 -9.39
C PHE A 79 -13.99 0.55 -9.85
C PHE A 79 -14.10 0.73 -9.80
N MET A 80 -15.27 0.50 -10.18
N MET A 80 -15.42 0.84 -9.91
CA MET A 80 -16.02 1.72 -10.37
CA MET A 80 -16.00 2.14 -10.22
C MET A 80 -16.04 2.50 -9.07
C MET A 80 -16.10 2.97 -8.94
N CYS A 81 -15.88 3.82 -9.18
N CYS A 81 -15.66 4.22 -9.00
CA CYS A 81 -15.97 4.73 -8.06
CA CYS A 81 -15.85 5.15 -7.90
C CYS A 81 -17.42 5.15 -7.85
C CYS A 81 -17.34 5.45 -7.77
N VAL A 82 -17.87 5.16 -6.60
CA VAL A 82 -19.27 5.48 -6.28
C VAL A 82 -19.58 6.95 -6.41
N CYS A 83 -18.57 7.81 -6.23
CA CYS A 83 -18.77 9.25 -6.35
C CYS A 83 -18.89 9.77 -7.77
N CYS A 84 -17.90 9.49 -8.64
CA CYS A 84 -17.94 10.02 -10.00
C CYS A 84 -18.47 9.01 -11.02
N GLN A 85 -18.65 7.76 -10.62
CA GLN A 85 -19.24 6.74 -11.49
C GLN A 85 -18.36 6.37 -12.70
N GLU A 86 -17.06 6.60 -12.57
CA GLU A 86 -16.07 6.22 -13.58
C GLU A 86 -15.10 5.26 -12.92
N LEU A 87 -14.30 4.56 -13.71
CA LEU A 87 -13.21 3.76 -13.16
C LEU A 87 -12.39 4.66 -12.25
N VAL A 88 -12.13 4.16 -11.04
CA VAL A 88 -11.39 4.93 -10.06
C VAL A 88 -10.04 5.41 -10.61
N TYR A 89 -9.66 6.66 -10.31
CA TYR A 89 -8.37 7.20 -10.71
C TYR A 89 -7.71 7.76 -9.46
N GLN A 90 -6.42 7.47 -9.28
CA GLN A 90 -5.70 7.70 -7.99
C GLN A 90 -6.54 7.18 -6.77
N PRO A 91 -6.96 5.91 -6.84
CA PRO A 91 -7.83 5.33 -5.82
C PRO A 91 -7.19 5.40 -4.45
N VAL A 92 -7.98 5.78 -3.45
CA VAL A 92 -7.64 5.57 -2.05
C VAL A 92 -8.37 4.28 -1.64
N THR A 93 -7.67 3.31 -1.09
CA THR A 93 -8.38 2.11 -0.61
C THR A 93 -8.67 2.33 0.88
N THR A 94 -9.93 2.49 1.24
CA THR A 94 -10.25 2.86 2.63
C THR A 94 -10.07 1.66 3.57
N GLU A 95 -10.01 1.92 4.87
CA GLU A 95 -9.90 0.84 5.85
C GLU A 95 -11.11 -0.10 5.84
N CYS A 96 -12.25 0.42 5.38
CA CYS A 96 -13.46 -0.39 5.18
C CYS A 96 -13.50 -1.04 3.79
N PHE A 97 -12.36 -1.09 3.13
CA PHE A 97 -12.12 -1.92 1.96
C PHE A 97 -12.77 -1.38 0.68
N HIS A 98 -13.03 -0.08 0.63
CA HIS A 98 -13.67 0.52 -0.53
C HIS A 98 -12.71 1.44 -1.27
N ASN A 99 -12.72 1.38 -2.61
CA ASN A 99 -11.84 2.22 -3.46
C ASN A 99 -12.57 3.39 -4.05
N VAL A 100 -12.04 4.58 -3.81
CA VAL A 100 -12.70 5.83 -4.20
C VAL A 100 -11.61 6.75 -4.70
N CYS A 101 -11.88 7.53 -5.75
CA CYS A 101 -10.85 8.48 -6.25
C CYS A 101 -10.40 9.38 -5.11
N LYS A 102 -9.10 9.67 -5.03
CA LYS A 102 -8.63 10.62 -4.01
C LYS A 102 -9.36 11.97 -4.13
N ASP A 103 -9.55 12.43 -5.36
CA ASP A 103 -10.23 13.69 -5.65
C ASP A 103 -11.66 13.72 -5.14
N CYS A 104 -12.36 12.59 -5.31
CA CYS A 104 -13.76 12.48 -4.91
C CYS A 104 -13.88 12.42 -3.36
N LEU A 105 -12.99 11.69 -2.70
CA LEU A 105 -13.00 11.69 -1.23
C LEU A 105 -12.65 13.08 -0.66
N GLN A 106 -11.73 13.79 -1.30
CA GLN A 106 -11.40 15.16 -0.88
C GLN A 106 -12.60 16.12 -1.01
N ARG A 107 -13.38 16.02 -2.10
CA ARG A 107 -14.65 16.78 -2.23
C ARG A 107 -15.60 16.51 -1.07
N SER A 108 -15.72 15.24 -0.70
CA SER A 108 -16.59 14.80 0.38
C SER A 108 -16.19 15.41 1.73
N PHE A 109 -14.91 15.34 2.05
CA PHE A 109 -14.36 15.92 3.29
C PHE A 109 -14.54 17.44 3.35
N LYS A 110 -14.33 18.11 2.22
CA LYS A 110 -14.51 19.56 2.13
C LYS A 110 -15.95 19.95 2.47
N ALA A 111 -16.89 19.09 2.09
CA ALA A 111 -18.29 19.24 2.45
C ALA A 111 -18.59 18.75 3.88
N GLN A 112 -17.56 18.59 4.70
CA GLN A 112 -17.71 18.14 6.09
C GLN A 112 -18.32 16.76 6.27
N VAL A 113 -18.15 15.91 5.26
CA VAL A 113 -18.59 14.53 5.31
C VAL A 113 -17.31 13.67 5.46
N PHE A 114 -17.19 12.97 6.59
CA PHE A 114 -15.95 12.24 6.94
C PHE A 114 -16.23 10.76 6.98
N SER A 115 -17.10 10.37 6.08
CA SER A 115 -17.73 9.07 6.02
C SER A 115 -17.22 8.43 4.75
N CYS A 116 -17.19 7.10 4.70
CA CYS A 116 -16.91 6.43 3.44
C CYS A 116 -18.12 6.54 2.53
N PRO A 117 -17.95 7.14 1.33
CA PRO A 117 -19.10 7.26 0.42
C PRO A 117 -19.73 5.92 -0.01
N ALA A 118 -18.98 4.83 0.03
CA ALA A 118 -19.56 3.55 -0.37
C ALA A 118 -20.38 2.86 0.72
N CYS A 119 -19.95 2.95 1.98
CA CYS A 119 -20.54 2.15 3.05
C CYS A 119 -20.91 2.98 4.27
N ARG A 120 -20.51 4.24 4.25
CA ARG A 120 -20.77 5.21 5.32
C ARG A 120 -20.02 4.97 6.65
N HIS A 121 -19.04 4.06 6.64
CA HIS A 121 -18.10 3.96 7.74
C HIS A 121 -17.41 5.30 8.03
N ASP A 122 -17.36 5.68 9.32
CA ASP A 122 -16.73 6.93 9.77
C ASP A 122 -15.22 6.84 9.69
N LEU A 123 -14.64 7.70 8.86
CA LEU A 123 -13.22 7.67 8.57
C LEU A 123 -12.50 8.65 9.48
N GLY A 124 -13.23 9.65 9.93
CA GLY A 124 -12.70 10.65 10.83
C GLY A 124 -12.20 11.84 10.05
N GLN A 125 -12.44 13.04 10.58
CA GLN A 125 -11.95 14.29 9.97
C GLN A 125 -10.46 14.30 9.69
N ASN A 126 -9.69 13.59 10.51
CA ASN A 126 -8.24 13.65 10.35
C ASN A 126 -7.67 12.58 9.40
N TYR A 127 -8.55 11.75 8.82
CA TYR A 127 -8.13 10.67 7.89
C TYR A 127 -6.97 11.05 6.97
N ILE A 128 -5.93 10.20 6.94
CA ILE A 128 -4.84 10.36 5.98
C ILE A 128 -5.20 9.60 4.72
N MET A 129 -5.30 10.33 3.62
CA MET A 129 -5.69 9.76 2.33
C MET A 129 -4.43 9.36 1.57
N ILE A 130 -4.19 8.07 1.43
CA ILE A 130 -2.99 7.61 0.75
C ILE A 130 -3.39 6.85 -0.50
N PRO A 131 -2.96 7.35 -1.69
CA PRO A 131 -3.36 6.62 -2.89
C PRO A 131 -2.76 5.21 -2.92
N ASN A 132 -3.53 4.27 -3.43
CA ASN A 132 -3.09 2.93 -3.59
C ASN A 132 -2.45 2.88 -4.96
N GLU A 133 -1.11 3.02 -5.01
CA GLU A 133 -0.39 3.02 -6.31
C GLU A 133 -0.24 1.65 -6.94
N ILE A 134 -0.33 0.59 -6.14
CA ILE A 134 -0.37 -0.77 -6.69
C ILE A 134 -1.60 -0.96 -7.55
N LEU A 135 -2.76 -0.60 -6.98
CA LEU A 135 -4.01 -0.63 -7.71
C LEU A 135 -3.96 0.32 -8.91
N GLN A 136 -3.46 1.54 -8.74
CA GLN A 136 -3.35 2.44 -9.90
C GLN A 136 -2.59 1.73 -11.04
N THR A 137 -1.46 1.13 -10.70
CA THR A 137 -0.60 0.52 -11.73
C THR A 137 -1.34 -0.62 -12.42
N LEU A 138 -2.05 -1.43 -11.62
CA LEU A 138 -2.89 -2.51 -12.13
C LEU A 138 -3.89 -2.03 -13.16
N LEU A 139 -4.64 -0.99 -12.82
CA LEU A 139 -5.66 -0.40 -13.73
C LEU A 139 -5.07 0.16 -15.01
N ASP A 140 -3.86 0.76 -14.90
CA ASP A 140 -3.11 1.25 -16.05
C ASP A 140 -2.76 0.07 -16.93
N LEU A 141 -2.40 -1.08 -16.36
CA LEU A 141 -2.09 -2.28 -17.15
C LEU A 141 -3.31 -2.87 -17.81
N PHE A 142 -4.43 -2.93 -17.08
CA PHE A 142 -5.65 -3.55 -17.61
C PHE A 142 -6.36 -2.63 -18.60
N PHE A 143 -6.26 -1.32 -18.39
CA PHE A 143 -6.92 -0.31 -19.20
C PHE A 143 -5.96 0.78 -19.67
N PRO A 144 -5.01 0.45 -20.58
CA PRO A 144 -3.99 1.46 -20.90
C PRO A 144 -4.62 2.74 -21.43
N GLY A 145 -4.16 3.86 -20.93
CA GLY A 145 -4.68 5.15 -21.39
C GLY A 145 -5.94 5.68 -20.72
N TYR A 146 -6.60 4.86 -19.89
CA TYR A 146 -7.91 5.31 -19.30
C TYR A 146 -7.81 6.59 -18.47
N SER A 147 -6.66 6.90 -17.92
CA SER A 147 -6.52 8.04 -17.01
C SER A 147 -6.32 9.42 -17.67
N LYS A 148 -6.31 9.47 -19.00
CA LYS A 148 -6.10 10.74 -19.69
C LYS A 148 -7.15 11.78 -19.30
N GLY A 149 -6.70 12.94 -18.80
CA GLY A 149 -7.59 14.05 -18.44
C GLY A 149 -8.20 14.02 -17.04
N ARG A 150 -8.03 12.89 -16.35
CA ARG A 150 -8.74 12.63 -15.09
C ARG A 150 -8.27 13.53 -13.95
N GLU B 36 6.68 1.31 31.66
CA GLU B 36 5.53 1.94 30.95
C GLU B 36 5.66 1.86 29.41
N ALA B 37 4.53 1.75 28.73
CA ALA B 37 4.50 1.53 27.28
C ALA B 37 4.40 2.82 26.45
N PHE B 38 5.16 2.85 25.34
CA PHE B 38 4.99 3.84 24.28
C PHE B 38 3.56 3.78 23.75
N GLN B 39 2.87 4.92 23.71
CA GLN B 39 1.51 4.97 23.18
C GLN B 39 1.50 5.47 21.73
N LEU B 40 1.00 4.63 20.84
CA LEU B 40 0.79 4.99 19.45
C LEU B 40 -0.41 5.91 19.39
N THR B 41 -0.39 6.91 18.51
CA THR B 41 -1.59 7.72 18.25
C THR B 41 -2.63 6.87 17.51
N PRO B 42 -3.92 7.31 17.50
CA PRO B 42 -4.88 6.56 16.69
C PRO B 42 -4.56 6.56 15.19
N GLN B 43 -3.83 7.56 14.72
N GLN B 43 -3.78 7.55 14.74
CA GLN B 43 -3.49 7.60 13.31
CA GLN B 43 -3.27 7.59 13.38
C GLN B 43 -2.41 6.58 12.98
C GLN B 43 -2.20 6.54 13.11
N GLN B 44 -1.49 6.37 13.91
N GLN B 44 -1.12 6.56 13.89
CA GLN B 44 -0.50 5.33 13.74
CA GLN B 44 -0.10 5.52 13.76
C GLN B 44 -1.16 3.93 13.81
C GLN B 44 -0.76 4.15 13.91
N GLN B 45 -1.67 3.53 14.98
N GLN B 45 -1.97 4.13 14.47
CA GLN B 45 -2.31 2.21 15.08
CA GLN B 45 -2.69 2.88 14.71
C GLN B 45 -3.03 1.93 13.79
C GLN B 45 -3.45 2.38 13.49
N HIS B 46 -3.90 2.85 13.38
N HIS B 46 -4.09 3.28 12.75
CA HIS B 46 -4.67 2.68 12.16
CA HIS B 46 -4.91 2.81 11.64
C HIS B 46 -3.74 2.46 10.96
C HIS B 46 -4.02 2.47 10.43
N LEU B 47 -2.79 3.36 10.76
N LEU B 47 -2.87 3.15 10.34
CA LEU B 47 -1.92 3.25 9.60
CA LEU B 47 -1.92 2.96 9.25
C LEU B 47 -1.23 1.89 9.56
C LEU B 47 -1.07 1.70 9.42
N ILE B 48 -0.86 1.34 10.71
N ILE B 48 -0.55 1.47 10.60
CA ILE B 48 -0.13 0.06 10.75
CA ILE B 48 0.13 0.20 10.89
C ILE B 48 -0.95 -1.14 10.25
C ILE B 48 -0.84 -0.91 10.48
N ARG B 49 -2.22 -1.22 10.66
N ARG B 49 -2.11 -0.65 10.78
CA ARG B 49 -3.10 -2.30 10.24
CA ARG B 49 -3.20 -1.54 10.45
C ARG B 49 -3.34 -2.22 8.74
C ARG B 49 -3.36 -1.74 8.94
N GLU B 50 -3.00 -1.07 8.15
N GLU B 50 -3.47 -0.63 8.19
CA GLU B 50 -3.16 -0.86 6.71
CA GLU B 50 -3.62 -0.68 6.72
C GLU B 50 -1.97 -1.47 5.95
C GLU B 50 -2.38 -1.29 6.04
N ASP B 51 -0.87 -1.69 6.66
N ASP B 51 -1.21 -1.13 6.67
CA ASP B 51 0.40 -2.11 6.04
CA ASP B 51 0.06 -1.55 6.08
C ASP B 51 0.60 -3.64 6.03
C ASP B 51 0.26 -3.06 6.08
N CYS B 52 -0.32 -4.34 5.37
N CYS B 52 -0.61 -3.77 5.38
CA CYS B 52 -0.29 -5.82 5.30
CA CYS B 52 -0.64 -5.22 5.44
C CYS B 52 0.95 -6.40 4.65
C CYS B 52 0.60 -5.87 4.85
N GLN B 53 1.68 -5.61 3.87
N GLN B 53 1.25 -5.24 3.88
CA GLN B 53 2.92 -6.12 3.29
CA GLN B 53 2.50 -5.81 3.37
C GLN B 53 3.99 -6.28 4.36
C GLN B 53 3.48 -6.06 4.50
N ASN B 54 3.85 -5.51 5.44
N ASN B 54 3.41 -5.25 5.55
CA ASN B 54 4.75 -5.57 6.60
CA ASN B 54 4.33 -5.35 6.71
C ASN B 54 4.04 -6.15 7.84
C ASN B 54 3.71 -5.97 7.97
N GLN B 55 2.78 -6.52 7.67
N GLN B 55 2.86 -6.97 7.78
CA GLN B 55 1.91 -6.98 8.77
CA GLN B 55 2.18 -7.60 8.93
C GLN B 55 2.63 -7.79 9.85
C GLN B 55 3.16 -8.30 9.88
N LYS B 56 3.38 -8.80 9.42
N LYS B 56 3.94 -9.25 9.37
CA LYS B 56 4.16 -9.64 10.33
CA LYS B 56 4.93 -9.99 10.17
C LYS B 56 5.29 -8.86 10.97
C LYS B 56 5.87 -9.09 10.96
N LEU B 57 6.15 -8.26 10.12
N LEU B 57 6.18 -7.94 10.37
CA LEU B 57 7.24 -7.44 10.62
CA LEU B 57 7.14 -7.00 10.94
C LEU B 57 6.76 -6.49 11.72
C LEU B 57 6.49 -6.05 11.94
N TRP B 58 5.62 -5.85 11.52
N TRP B 58 5.27 -5.60 11.66
CA TRP B 58 5.11 -4.92 12.53
CA TRP B 58 4.61 -4.71 12.59
C TRP B 58 4.82 -5.62 13.87
C TRP B 58 4.20 -5.43 13.87
N ASP B 59 4.13 -6.76 13.83
CA ASP B 59 3.90 -7.59 15.03
C ASP B 59 5.19 -7.68 15.85
N GLU B 60 6.28 -8.08 15.20
CA GLU B 60 7.60 -8.12 15.80
C GLU B 60 7.96 -6.77 16.40
N VAL B 61 7.83 -5.69 15.61
CA VAL B 61 8.11 -4.32 16.09
C VAL B 61 7.26 -3.86 17.28
N LEU B 62 5.95 -4.10 17.24
CA LEU B 62 5.05 -3.56 18.27
C LEU B 62 5.19 -4.27 19.62
N SER B 63 5.84 -5.43 19.59
CA SER B 63 6.19 -6.18 20.79
C SER B 63 7.44 -5.59 21.44
N HIS B 64 7.67 -4.30 21.19
CA HIS B 64 8.71 -3.54 21.86
C HIS B 64 8.16 -2.21 22.39
N LEU B 65 6.84 -2.05 22.33
CA LEU B 65 6.14 -0.87 22.83
C LEU B 65 6.23 -0.74 24.36
N VAL B 66 6.36 -1.88 25.04
CA VAL B 66 6.52 -1.94 26.49
C VAL B 66 7.88 -1.41 26.96
N GLU B 67 8.81 -1.23 26.02
CA GLU B 67 10.13 -0.68 26.31
C GLU B 67 10.14 0.86 26.30
N GLY B 68 8.95 1.46 26.33
CA GLY B 68 8.77 2.90 26.47
C GLY B 68 9.60 3.79 25.55
N PRO B 69 10.46 4.65 26.13
CA PRO B 69 11.22 5.63 25.35
C PRO B 69 12.38 4.99 24.59
N ASN B 70 12.57 3.70 24.82
CA ASN B 70 13.50 2.88 24.04
C ASN B 70 12.89 2.40 22.72
N PHE B 71 11.55 2.38 22.64
CA PHE B 71 10.80 1.86 21.46
C PHE B 71 11.25 2.42 20.12
N LEU B 72 11.47 3.73 20.07
CA LEU B 72 11.84 4.40 18.82
C LEU B 72 13.22 4.01 18.31
N LYS B 73 14.05 3.44 19.18
CA LYS B 73 15.35 2.91 18.80
C LYS B 73 15.20 1.58 18.06
N LYS B 74 14.45 0.65 18.64
CA LYS B 74 14.18 -0.65 18.00
C LYS B 74 13.47 -0.45 16.66
N LEU B 75 12.42 0.35 16.67
CA LEU B 75 11.69 0.76 15.47
C LEU B 75 12.64 1.24 14.37
N GLU B 76 13.46 2.22 14.69
CA GLU B 76 14.45 2.71 13.75
C GLU B 76 15.32 1.58 13.20
N GLN B 77 15.82 0.72 14.09
CA GLN B 77 16.67 -0.42 13.70
C GLN B 77 15.96 -1.39 12.74
N SER B 78 14.70 -1.69 13.06
CA SER B 78 13.85 -2.55 12.26
C SER B 78 13.69 -2.10 10.80
N PHE B 79 13.85 -0.81 10.58
CA PHE B 79 13.68 -0.22 9.24
C PHE B 79 14.92 0.40 8.60
N MET B 80 16.11 -0.04 9.01
CA MET B 80 17.34 0.38 8.33
C MET B 80 17.43 -0.33 6.98
N CYS B 81 17.76 0.42 5.93
CA CYS B 81 18.01 -0.16 4.63
C CYS B 81 19.38 -0.83 4.66
N VAL B 82 19.43 -2.08 4.23
CA VAL B 82 20.71 -2.81 4.22
C VAL B 82 21.69 -2.25 3.18
N CYS B 83 21.18 -1.64 2.11
CA CYS B 83 22.07 -1.14 1.06
C CYS B 83 22.83 0.08 1.51
N CYS B 84 22.09 1.06 2.01
CA CYS B 84 22.68 2.36 2.27
C CYS B 84 22.93 2.55 3.76
N GLN B 85 22.51 1.56 4.55
CA GLN B 85 22.64 1.58 6.03
C GLN B 85 21.98 2.80 6.73
N GLU B 86 21.08 3.49 6.02
CA GLU B 86 20.28 4.58 6.61
C GLU B 86 18.82 4.17 6.82
N LEU B 87 18.05 4.98 7.56
CA LEU B 87 16.62 4.74 7.65
C LEU B 87 16.02 4.74 6.25
N VAL B 88 15.27 3.69 5.97
CA VAL B 88 14.71 3.49 4.64
C VAL B 88 13.90 4.73 4.20
N TYR B 89 14.08 5.15 2.95
CA TYR B 89 13.28 6.22 2.38
C TYR B 89 12.65 5.74 1.05
N GLN B 90 11.38 6.05 0.84
CA GLN B 90 10.59 5.40 -0.21
C GLN B 90 10.82 3.89 -0.29
N PRO B 91 10.60 3.20 0.84
CA PRO B 91 10.87 1.78 0.93
C PRO B 91 10.02 1.02 -0.04
N VAL B 92 10.64 0.04 -0.69
CA VAL B 92 9.93 -0.94 -1.46
C VAL B 92 9.87 -2.14 -0.50
N THR B 93 8.67 -2.62 -0.23
CA THR B 93 8.50 -3.85 0.58
C THR B 93 8.48 -5.02 -0.36
N THR B 94 9.51 -5.84 -0.28
CA THR B 94 9.66 -6.97 -1.18
C THR B 94 8.73 -8.12 -0.77
N GLU B 95 8.43 -9.00 -1.74
CA GLU B 95 7.69 -10.25 -1.48
C GLU B 95 8.37 -11.09 -0.41
N CYS B 96 9.67 -10.90 -0.20
CA CYS B 96 10.37 -11.60 0.90
C CYS B 96 10.38 -10.87 2.24
N PHE B 97 9.55 -9.83 2.36
CA PHE B 97 9.30 -9.12 3.61
C PHE B 97 10.40 -8.12 4.02
N HIS B 98 11.24 -7.69 3.08
CA HIS B 98 12.28 -6.72 3.41
C HIS B 98 11.97 -5.36 2.84
N ASN B 99 12.39 -4.31 3.55
CA ASN B 99 12.22 -2.93 3.12
C ASN B 99 13.57 -2.31 2.71
N VAL B 100 13.64 -1.87 1.45
CA VAL B 100 14.85 -1.36 0.79
C VAL B 100 14.42 -0.07 0.07
N CYS B 101 15.23 0.98 0.19
CA CYS B 101 14.94 2.23 -0.51
C CYS B 101 14.72 1.91 -1.97
N LYS B 102 13.75 2.57 -2.58
CA LYS B 102 13.55 2.44 -4.03
C LYS B 102 14.88 2.70 -4.78
N ASP B 103 15.55 3.81 -4.48
CA ASP B 103 16.80 4.13 -5.21
C ASP B 103 17.86 3.05 -5.02
N CYS B 104 17.93 2.45 -3.83
CA CYS B 104 18.88 1.40 -3.57
C CYS B 104 18.53 0.13 -4.34
N LEU B 105 17.25 -0.26 -4.30
CA LEU B 105 16.78 -1.38 -5.13
C LEU B 105 16.89 -1.09 -6.65
N GLN B 106 16.66 0.15 -7.08
CA GLN B 106 16.84 0.52 -8.49
C GLN B 106 18.29 0.33 -8.97
N ARG B 107 19.26 0.80 -8.18
CA ARG B 107 20.68 0.66 -8.51
C ARG B 107 21.07 -0.81 -8.74
N SER B 108 20.53 -1.69 -7.89
CA SER B 108 20.81 -3.11 -8.02
C SER B 108 20.25 -3.67 -9.33
N PHE B 109 19.02 -3.32 -9.67
CA PHE B 109 18.37 -3.82 -10.89
C PHE B 109 18.99 -3.27 -12.18
N LYS B 110 19.49 -2.04 -12.14
CA LYS B 110 20.08 -1.41 -13.32
C LYS B 110 21.36 -2.15 -13.71
N ALA B 111 22.02 -2.73 -12.72
CA ALA B 111 23.18 -3.60 -12.95
C ALA B 111 22.75 -5.02 -13.32
N GLN B 112 21.51 -5.19 -13.77
CA GLN B 112 20.92 -6.51 -14.10
C GLN B 112 20.87 -7.52 -12.94
N VAL B 113 21.02 -7.02 -11.71
CA VAL B 113 20.96 -7.87 -10.51
C VAL B 113 19.56 -7.83 -9.92
N PHE B 114 18.83 -8.94 -10.01
CA PHE B 114 17.42 -8.93 -9.65
C PHE B 114 17.09 -9.69 -8.37
N SER B 115 18.04 -9.80 -7.45
CA SER B 115 17.80 -10.46 -6.17
C SER B 115 17.73 -9.48 -5.01
N CYS B 116 16.92 -9.81 -4.01
CA CYS B 116 16.79 -8.97 -2.82
C CYS B 116 18.16 -8.79 -2.16
N PRO B 117 18.58 -7.54 -1.96
CA PRO B 117 19.89 -7.29 -1.34
C PRO B 117 19.96 -7.72 0.12
N ALA B 118 18.82 -7.92 0.76
CA ALA B 118 18.80 -8.34 2.15
C ALA B 118 18.97 -9.85 2.32
N CYS B 119 18.31 -10.65 1.49
CA CYS B 119 18.29 -12.10 1.73
C CYS B 119 18.64 -12.88 0.47
N ARG B 120 18.93 -12.13 -0.59
CA ARG B 120 19.21 -12.64 -1.93
C ARG B 120 18.12 -13.51 -2.59
N HIS B 121 16.88 -13.40 -2.12
CA HIS B 121 15.73 -13.97 -2.84
C HIS B 121 15.57 -13.35 -4.24
N ASP B 122 15.38 -14.21 -5.24
CA ASP B 122 15.37 -13.78 -6.64
C ASP B 122 14.05 -13.08 -6.98
N LEU B 123 14.11 -11.75 -7.10
CA LEU B 123 12.90 -10.98 -7.37
C LEU B 123 12.50 -11.11 -8.83
N GLY B 124 13.50 -11.31 -9.71
CA GLY B 124 13.27 -11.49 -11.13
C GLY B 124 13.36 -10.16 -11.88
N GLN B 125 13.54 -10.23 -13.20
CA GLN B 125 13.78 -9.04 -14.00
C GLN B 125 12.50 -8.26 -14.34
N ASN B 126 11.36 -8.91 -14.23
CA ASN B 126 10.09 -8.23 -14.49
C ASN B 126 9.35 -7.76 -13.24
N TYR B 127 10.11 -7.66 -12.15
CA TYR B 127 9.59 -7.18 -10.87
C TYR B 127 9.27 -5.69 -10.93
N ILE B 128 8.05 -5.34 -10.58
CA ILE B 128 7.62 -3.95 -10.53
C ILE B 128 7.80 -3.40 -9.11
N MET B 129 8.64 -2.37 -8.98
CA MET B 129 8.85 -1.66 -7.72
C MET B 129 7.90 -0.48 -7.52
N ILE B 130 7.11 -0.57 -6.48
CA ILE B 130 6.20 0.50 -6.12
C ILE B 130 6.42 0.74 -4.64
N PRO B 131 6.88 1.95 -4.29
CA PRO B 131 7.17 2.28 -2.90
C PRO B 131 5.96 2.09 -1.98
N ASN B 132 6.24 1.73 -0.74
CA ASN B 132 5.18 1.54 0.23
C ASN B 132 4.90 2.88 0.88
N GLU B 133 3.79 3.52 0.48
CA GLU B 133 3.51 4.88 0.99
C GLU B 133 2.87 4.96 2.36
N ILE B 134 2.23 3.88 2.78
CA ILE B 134 1.77 3.72 4.15
C ILE B 134 2.98 3.67 5.09
N LEU B 135 3.96 2.84 4.78
CA LEU B 135 5.18 2.83 5.56
C LEU B 135 5.91 4.20 5.55
N GLN B 136 6.09 4.82 4.39
CA GLN B 136 6.71 6.16 4.33
C GLN B 136 6.00 7.14 5.28
N THR B 137 4.68 7.19 5.19
CA THR B 137 3.84 8.02 6.03
C THR B 137 4.03 7.70 7.51
N LEU B 138 4.11 6.41 7.87
CA LEU B 138 4.38 6.04 9.26
C LEU B 138 5.71 6.57 9.77
N LEU B 139 6.77 6.36 9.00
CA LEU B 139 8.11 6.81 9.37
C LEU B 139 8.28 8.33 9.43
N ASP B 140 7.54 9.04 8.58
CA ASP B 140 7.42 10.49 8.68
C ASP B 140 6.76 10.89 10.00
N LEU B 141 5.81 10.10 10.48
CA LEU B 141 5.17 10.38 11.77
C LEU B 141 6.07 10.05 12.97
N PHE B 142 6.79 8.94 12.90
CA PHE B 142 7.64 8.54 14.00
C PHE B 142 8.90 9.40 14.10
N PHE B 143 9.46 9.78 12.95
CA PHE B 143 10.70 10.55 12.87
C PHE B 143 10.50 11.75 11.96
N PRO B 144 9.82 12.79 12.47
CA PRO B 144 9.44 13.92 11.65
C PRO B 144 10.67 14.64 11.07
N GLY B 145 10.60 14.94 9.77
CA GLY B 145 11.66 15.63 9.05
C GLY B 145 12.81 14.78 8.55
N TYR B 146 12.82 13.48 8.86
CA TYR B 146 14.01 12.64 8.61
C TYR B 146 14.34 12.53 7.13
N SER B 147 13.35 12.72 6.27
CA SER B 147 13.48 12.44 4.86
C SER B 147 13.77 13.67 3.98
N LYS B 148 13.91 14.84 4.60
CA LYS B 148 14.32 16.07 3.89
C LYS B 148 15.61 15.85 3.11
N GLY B 149 15.49 16.02 1.78
CA GLY B 149 16.59 15.87 0.84
C GLY B 149 16.95 14.46 0.38
N ARG B 150 16.31 13.43 0.97
CA ARG B 150 16.60 12.04 0.58
C ARG B 150 16.14 11.70 -0.83
#